data_9GXD
#
_entry.id   9GXD
#
_cell.length_a   94.109
_cell.length_b   61.950
_cell.length_c   119.172
_cell.angle_alpha   90.00
_cell.angle_beta   101.51
_cell.angle_gamma   90.00
#
_symmetry.space_group_name_H-M   'C 1 2 1'
#
loop_
_entity.id
_entity.type
_entity.pdbx_description
1 polymer 'Peroxisome proliferator-activated receptor gamma'
2 non-polymer '4-[5-chloranyl-1-[2-chloranyl-6-(trifluoromethyl)phenyl]carbonyl-indazol-3-yl]-3-(2-phenylethoxy)benzoic acid'
3 water water
#
_entity_poly.entity_id   1
_entity_poly.type   'polypeptide(L)'
_entity_poly.pdbx_seq_one_letter_code
;GSHMESADLRALAKHLYDSYIKSFPLTKAKARAILTGKTTDKSPFVIYDMNSLMMGEDKIKFKHITPLQEQSKEVAIRIF
QGCQFRSVEAVQEITEYAKSIPGFVNLDLNDQVTLLKYGVHEIIYTMLASLMNKDGVLISEGQGFMTREFLKSLRKPFGD
FMEPKFEFAVKFNALELDDSDLAIFIAVIILSGDRPGLLNVKPIEDIQDNLLQALELQLKLNHPESSQLFAKLLQKMTDL
RQIVTEHVQLLQVIKKTETDMSLHPLLQEIYKDLY
;
_entity_poly.pdbx_strand_id   B,A
#
loop_
_chem_comp.id
_chem_comp.type
_chem_comp.name
_chem_comp.formula
A1IQF non-polymer '4-[5-chloranyl-1-[2-chloranyl-6-(trifluoromethyl)phenyl]carbonyl-indazol-3-yl]-3-(2-phenylethoxy)benzoic acid' 'C30 H19 Cl2 F3 N2 O4'
#
# COMPACT_ATOMS: atom_id res chain seq x y z
N MET A 4 15.15 21.70 2.25
CA MET A 4 14.62 22.90 2.90
C MET A 4 15.19 23.06 4.32
N GLU A 5 15.35 24.32 4.75
CA GLU A 5 15.77 24.56 6.12
C GLU A 5 14.64 24.19 7.10
N SER A 6 15.03 23.89 8.33
CA SER A 6 14.07 23.36 9.29
C SER A 6 13.01 24.40 9.66
N ALA A 7 13.38 25.68 9.72
CA ALA A 7 12.37 26.71 9.96
C ALA A 7 11.36 26.76 8.82
N ASP A 8 11.79 26.50 7.58
CA ASP A 8 10.85 26.42 6.46
C ASP A 8 9.85 25.29 6.67
N LEU A 9 10.34 24.11 7.04
CA LEU A 9 9.45 22.99 7.30
C LEU A 9 8.52 23.28 8.47
N ARG A 10 9.04 23.91 9.52
CA ARG A 10 8.20 24.24 10.65
C ARG A 10 7.10 25.23 10.24
N ALA A 11 7.44 26.17 9.36
CA ALA A 11 6.43 27.12 8.87
C ALA A 11 5.38 26.42 8.03
N LEU A 12 5.82 25.52 7.16
CA LEU A 12 4.86 24.72 6.38
C LEU A 12 3.93 23.95 7.30
N ALA A 13 4.49 23.29 8.32
CA ALA A 13 3.66 22.53 9.26
C ALA A 13 2.61 23.40 9.94
N LYS A 14 2.99 24.60 10.39
CA LYS A 14 2.02 25.45 11.10
C LYS A 14 1.01 26.06 10.15
N HIS A 15 1.41 26.29 8.90
CA HIS A 15 0.47 26.79 7.90
C HIS A 15 -0.62 25.76 7.64
N LEU A 16 -0.23 24.48 7.51
CA LEU A 16 -1.20 23.44 7.24
C LEU A 16 -2.07 23.17 8.45
N TYR A 17 -1.47 23.24 9.64
CA TYR A 17 -2.25 23.04 10.87
C TYR A 17 -3.33 24.11 11.01
N ASP A 18 -2.94 25.38 10.88
CA ASP A 18 -3.90 26.47 10.98
C ASP A 18 -5.03 26.29 9.98
N SER A 19 -4.70 25.90 8.76
CA SER A 19 -5.70 25.76 7.72
C SER A 19 -6.56 24.52 7.97
N TYR A 20 -5.95 23.45 8.45
CA TYR A 20 -6.66 22.24 8.83
C TYR A 20 -7.76 22.54 9.85
N ILE A 21 -7.47 23.39 10.84
CA ILE A 21 -8.42 23.71 11.91
C ILE A 21 -9.64 24.42 11.36
N LYS A 22 -9.44 25.30 10.37
CA LYS A 22 -10.54 26.08 9.82
C LYS A 22 -11.38 25.29 8.83
N SER A 23 -10.82 24.23 8.24
CA SER A 23 -11.47 23.55 7.13
C SER A 23 -12.46 22.49 7.57
N PHE A 24 -12.25 21.91 8.73
CA PHE A 24 -13.03 20.75 9.07
C PHE A 24 -13.86 21.02 10.33
N PRO A 25 -15.03 20.38 10.45
CA PRO A 25 -16.03 20.84 11.43
C PRO A 25 -15.70 20.45 12.86
N LEU A 26 -15.05 19.31 13.03
CA LEU A 26 -14.75 18.74 14.34
C LEU A 26 -13.33 18.21 14.26
N THR A 27 -12.41 18.78 15.03
CA THR A 27 -11.04 18.31 15.00
C THR A 27 -10.88 17.01 15.80
N LYS A 28 -9.69 16.41 15.68
CA LYS A 28 -9.44 15.19 16.44
C LYS A 28 -9.37 15.48 17.94
N ALA A 29 -8.76 16.60 18.32
CA ALA A 29 -8.63 16.93 19.74
C ALA A 29 -10.00 17.08 20.38
N LYS A 30 -10.92 17.77 19.71
CA LYS A 30 -12.27 17.89 20.24
C LYS A 30 -12.96 16.54 20.32
N ALA A 31 -12.88 15.75 19.24
CA ALA A 31 -13.51 14.43 19.24
C ALA A 31 -12.94 13.53 20.34
N ARG A 32 -11.66 13.65 20.65
CA ARG A 32 -11.10 12.86 21.73
C ARG A 32 -11.72 13.26 23.06
N ALA A 33 -11.89 14.56 23.28
CA ALA A 33 -12.52 15.05 24.50
C ALA A 33 -13.93 14.53 24.65
N ILE A 34 -14.65 14.38 23.54
CA ILE A 34 -16.00 13.82 23.61
C ILE A 34 -15.95 12.32 23.91
N LEU A 35 -15.18 11.56 23.12
CA LEU A 35 -15.24 10.11 23.28
C LEU A 35 -14.76 9.63 24.64
N THR A 36 -13.89 10.39 25.30
CA THR A 36 -13.32 9.96 26.56
C THR A 36 -14.14 10.41 27.75
N GLY A 37 -15.17 11.24 27.55
CA GLY A 37 -15.89 11.81 28.67
C GLY A 37 -15.16 12.90 29.40
N LYS A 38 -13.98 13.25 28.89
CA LYS A 38 -13.15 14.28 29.55
C LYS A 38 -14.00 15.55 29.74
N THR A 39 -14.56 16.06 28.65
CA THR A 39 -15.43 17.23 28.82
C THR A 39 -16.67 16.77 29.55
N THR A 40 -16.93 17.33 30.74
CA THR A 40 -18.17 17.00 31.45
C THR A 40 -19.27 17.84 30.86
N ASP A 41 -19.03 18.39 29.66
CA ASP A 41 -20.09 19.17 28.97
C ASP A 41 -21.12 18.20 28.39
N LYS A 42 -22.13 18.73 27.72
CA LYS A 42 -23.24 17.90 27.20
C LYS A 42 -22.75 16.56 26.63
N SER A 43 -23.28 15.47 27.17
CA SER A 43 -22.95 14.13 26.64
C SER A 43 -23.70 13.95 25.31
N PRO A 44 -23.05 13.38 24.27
CA PRO A 44 -23.72 13.19 22.99
C PRO A 44 -24.93 12.27 23.02
N PHE A 45 -25.86 12.49 22.09
CA PHE A 45 -27.01 11.56 21.97
C PHE A 45 -26.47 10.28 21.40
N VAL A 46 -26.79 9.17 22.05
CA VAL A 46 -26.28 7.87 21.61
C VAL A 46 -27.33 7.12 20.82
N ILE A 47 -26.95 6.68 19.63
CA ILE A 47 -27.78 5.83 18.80
C ILE A 47 -27.22 4.41 18.90
N TYR A 48 -27.99 3.53 19.55
CA TYR A 48 -27.56 2.15 19.79
C TYR A 48 -28.54 1.12 19.26
N ASP A 49 -29.65 1.55 18.66
CA ASP A 49 -30.69 0.63 18.22
C ASP A 49 -31.73 1.42 17.44
N MET A 50 -32.78 0.72 16.99
CA MET A 50 -33.79 1.31 16.13
C MET A 50 -34.52 2.47 16.82
N ASN A 51 -35.05 2.25 18.03
CA ASN A 51 -35.82 3.28 18.73
C ASN A 51 -34.98 4.53 19.00
N SER A 52 -33.72 4.35 19.38
CA SER A 52 -32.90 5.52 19.65
C SER A 52 -32.44 6.20 18.37
N LEU A 53 -32.42 5.48 17.25
CA LEU A 53 -32.23 6.16 15.96
C LEU A 53 -33.44 6.99 15.60
N MET A 54 -34.65 6.47 15.83
CA MET A 54 -35.84 7.31 15.66
C MET A 54 -35.73 8.57 16.50
N MET A 55 -35.58 8.41 17.83
CA MET A 55 -35.54 9.58 18.71
C MET A 55 -34.43 10.55 18.31
N GLY A 56 -33.32 10.03 17.79
CA GLY A 56 -32.17 10.90 17.45
C GLY A 56 -32.44 11.76 16.24
N GLU A 57 -33.05 11.18 15.21
CA GLU A 57 -33.41 11.99 14.03
C GLU A 57 -34.26 13.17 14.51
N ASP A 58 -35.39 12.85 15.16
CA ASP A 58 -36.33 13.90 15.62
C ASP A 58 -35.64 14.94 16.51
N LYS A 59 -34.57 14.56 17.21
CA LYS A 59 -33.91 15.50 18.14
C LYS A 59 -32.91 16.37 17.39
N ILE A 60 -31.92 15.77 16.75
CA ILE A 60 -30.85 16.57 16.09
C ILE A 60 -31.35 17.13 14.75
N LYS A 61 -32.57 16.76 14.33
CA LYS A 61 -33.15 17.27 13.06
C LYS A 61 -32.07 17.08 11.96
N PHE A 62 -31.74 15.83 11.60
CA PHE A 62 -30.66 15.54 10.60
C PHE A 62 -30.97 16.18 9.25
N LYS A 63 -29.94 16.49 8.44
CA LYS A 63 -30.15 17.21 7.16
C LYS A 63 -30.35 16.25 5.99
N HIS A 64 -30.05 14.97 6.16
CA HIS A 64 -30.22 13.97 5.08
C HIS A 64 -31.52 13.20 5.23
N ILE A 65 -32.45 13.69 6.06
CA ILE A 65 -33.67 12.90 6.37
C ILE A 65 -34.67 12.91 5.21
N THR A 66 -35.85 12.35 5.43
CA THR A 66 -36.88 12.26 4.36
C THR A 66 -36.23 11.90 3.06
N PRO A 67 -35.58 10.73 2.91
CA PRO A 67 -34.85 10.41 1.70
C PRO A 67 -35.79 9.78 0.70
N SER A 72 -35.03 6.74 1.87
CA SER A 72 -36.14 5.79 1.73
C SER A 72 -36.74 5.39 3.09
N LYS A 73 -36.87 4.07 3.33
CA LYS A 73 -37.58 3.59 4.51
C LYS A 73 -36.78 2.61 5.37
N GLU A 74 -36.14 1.61 4.76
CA GLU A 74 -35.39 0.62 5.52
C GLU A 74 -34.25 1.28 6.28
N VAL A 75 -34.09 0.87 7.55
CA VAL A 75 -33.23 1.60 8.48
C VAL A 75 -31.77 1.53 8.07
N ALA A 76 -31.26 0.32 7.77
CA ALA A 76 -29.86 0.19 7.39
C ALA A 76 -29.55 1.04 6.14
N ILE A 77 -30.49 1.08 5.20
CA ILE A 77 -30.31 1.91 4.00
C ILE A 77 -30.22 3.39 4.38
N ARG A 78 -31.14 3.86 5.22
CA ARG A 78 -31.10 5.27 5.66
C ARG A 78 -29.73 5.63 6.23
N ILE A 79 -29.19 4.78 7.09
CA ILE A 79 -27.85 5.01 7.63
C ILE A 79 -26.82 5.04 6.52
N PHE A 80 -26.87 4.07 5.61
CA PHE A 80 -25.93 4.01 4.51
C PHE A 80 -25.93 5.32 3.76
N GLN A 81 -27.12 5.82 3.42
CA GLN A 81 -27.21 7.05 2.65
C GLN A 81 -26.80 8.28 3.43
N GLY A 82 -26.92 8.26 4.76
CA GLY A 82 -26.33 9.32 5.57
C GLY A 82 -24.83 9.29 5.61
N CYS A 83 -24.22 8.11 5.37
CA CYS A 83 -22.78 8.05 5.20
C CYS A 83 -22.38 8.77 3.92
N GLN A 84 -23.18 8.59 2.86
CA GLN A 84 -22.98 9.30 1.61
C GLN A 84 -23.10 10.80 1.80
N PHE A 85 -24.20 11.26 2.42
CA PHE A 85 -24.39 12.69 2.64
C PHE A 85 -23.15 13.29 3.27
N ARG A 86 -22.63 12.66 4.33
CA ARG A 86 -21.48 13.24 5.00
C ARG A 86 -20.24 13.23 4.11
N SER A 87 -20.11 12.20 3.28
CA SER A 87 -18.95 12.07 2.40
C SER A 87 -18.95 13.18 1.35
N VAL A 88 -20.08 13.43 0.71
CA VAL A 88 -20.19 14.56 -0.20
C VAL A 88 -19.78 15.86 0.51
N GLU A 89 -20.20 16.05 1.76
CA GLU A 89 -19.77 17.21 2.52
C GLU A 89 -18.27 17.21 2.72
N ALA A 90 -17.73 16.10 3.23
CA ALA A 90 -16.28 15.97 3.42
C ALA A 90 -15.52 16.32 2.14
N VAL A 91 -16.01 15.88 0.97
CA VAL A 91 -15.27 16.14 -0.28
C VAL A 91 -15.03 17.63 -0.47
N GLN A 92 -16.07 18.45 -0.30
CA GLN A 92 -15.88 19.90 -0.37
C GLN A 92 -14.93 20.39 0.71
N GLU A 93 -15.01 19.84 1.91
CA GLU A 93 -14.10 20.32 2.95
C GLU A 93 -12.65 20.02 2.60
N ILE A 94 -12.36 18.84 2.05
CA ILE A 94 -11.00 18.52 1.63
C ILE A 94 -10.60 19.37 0.41
N THR A 95 -11.53 19.60 -0.51
CA THR A 95 -11.23 20.43 -1.67
C THR A 95 -10.79 21.82 -1.23
N GLU A 96 -11.47 22.39 -0.24
CA GLU A 96 -11.10 23.72 0.21
C GLU A 96 -9.78 23.68 0.99
N TYR A 97 -9.56 22.63 1.79
CA TYR A 97 -8.26 22.48 2.46
C TYR A 97 -7.13 22.40 1.45
N ALA A 98 -7.33 21.64 0.36
CA ALA A 98 -6.31 21.52 -0.70
C ALA A 98 -5.80 22.87 -1.16
N LYS A 99 -6.72 23.80 -1.44
CA LYS A 99 -6.36 25.15 -1.89
C LYS A 99 -5.31 25.79 -0.99
N SER A 100 -5.21 25.39 0.27
CA SER A 100 -4.24 26.01 1.13
C SER A 100 -2.88 25.29 1.17
N ILE A 101 -2.73 24.17 0.48
CA ILE A 101 -1.42 23.53 0.44
C ILE A 101 -0.53 24.35 -0.49
N PRO A 102 0.61 24.88 -0.01
CA PRO A 102 1.48 25.69 -0.86
C PRO A 102 1.84 25.05 -2.18
N GLY A 103 1.46 25.71 -3.28
CA GLY A 103 1.74 25.28 -4.63
C GLY A 103 0.59 24.59 -5.33
N PHE A 104 -0.41 24.10 -4.59
CA PHE A 104 -1.44 23.26 -5.19
C PHE A 104 -2.23 24.03 -6.24
N VAL A 105 -2.63 25.25 -5.92
CA VAL A 105 -3.43 26.03 -6.86
C VAL A 105 -2.65 26.38 -8.12
N ASN A 106 -1.32 26.35 -8.05
CA ASN A 106 -0.55 26.67 -9.24
C ASN A 106 -0.39 25.48 -10.16
N LEU A 107 -0.92 24.33 -9.79
CA LEU A 107 -0.92 23.18 -10.69
C LEU A 107 -1.98 23.35 -11.78
N ASP A 108 -1.68 22.76 -12.94
CA ASP A 108 -2.66 22.52 -13.99
C ASP A 108 -4.02 22.13 -13.41
N LEU A 109 -5.05 22.85 -13.85
CA LEU A 109 -6.39 22.65 -13.30
C LEU A 109 -6.84 21.20 -13.44
N ASN A 110 -6.58 20.56 -14.59
CA ASN A 110 -6.95 19.15 -14.73
C ASN A 110 -6.26 18.30 -13.68
N ASP A 111 -4.97 18.57 -13.41
CA ASP A 111 -4.24 17.78 -12.42
C ASP A 111 -4.78 18.03 -11.01
N GLN A 112 -5.14 19.29 -10.70
CA GLN A 112 -5.84 19.55 -9.44
C GLN A 112 -7.10 18.69 -9.34
N VAL A 113 -7.87 18.57 -10.44
CA VAL A 113 -9.12 17.81 -10.33
C VAL A 113 -8.81 16.33 -10.20
N THR A 114 -7.81 15.85 -10.92
CA THR A 114 -7.42 14.44 -10.84
C THR A 114 -6.94 14.06 -9.44
N LEU A 115 -6.12 14.92 -8.83
CA LEU A 115 -5.61 14.62 -7.49
C LEU A 115 -6.74 14.53 -6.48
N LEU A 116 -7.67 15.49 -6.52
CA LEU A 116 -8.80 15.46 -5.58
C LEU A 116 -9.66 14.22 -5.81
N LYS A 117 -9.92 13.88 -7.08
CA LYS A 117 -10.81 12.77 -7.40
C LYS A 117 -10.31 11.45 -6.84
N TYR A 118 -9.03 11.17 -6.95
CA TYR A 118 -8.49 9.90 -6.55
C TYR A 118 -8.01 9.91 -5.12
N GLY A 119 -8.17 11.02 -4.42
CA GLY A 119 -7.55 11.13 -3.12
C GLY A 119 -8.56 11.26 -2.00
N VAL A 120 -9.75 11.79 -2.31
CA VAL A 120 -10.72 12.14 -1.28
C VAL A 120 -11.14 10.88 -0.52
N HIS A 121 -11.26 9.76 -1.22
CA HIS A 121 -11.66 8.52 -0.55
C HIS A 121 -10.67 8.16 0.55
N GLU A 122 -9.38 8.10 0.21
CA GLU A 122 -8.37 7.82 1.22
C GLU A 122 -8.41 8.86 2.34
N ILE A 123 -8.69 10.13 2.02
CA ILE A 123 -8.65 11.13 3.08
C ILE A 123 -9.86 10.99 4.00
N ILE A 124 -11.03 10.67 3.43
CA ILE A 124 -12.23 10.47 4.23
C ILE A 124 -12.06 9.28 5.18
N TYR A 125 -11.51 8.17 4.69
CA TYR A 125 -11.20 7.04 5.57
C TYR A 125 -10.31 7.47 6.72
N THR A 126 -9.25 8.21 6.41
CA THR A 126 -8.31 8.65 7.44
C THR A 126 -8.99 9.52 8.49
N MET A 127 -9.70 10.54 8.03
CA MET A 127 -10.26 11.49 8.98
C MET A 127 -11.40 10.88 9.76
N LEU A 128 -12.10 9.91 9.17
CA LEU A 128 -13.14 9.18 9.89
C LEU A 128 -12.59 8.56 11.17
N ALA A 129 -11.35 8.04 11.10
CA ALA A 129 -10.73 7.45 12.27
C ALA A 129 -10.63 8.45 13.43
N SER A 130 -10.49 9.73 13.14
CA SER A 130 -10.45 10.73 14.19
C SER A 130 -11.73 10.76 14.98
N LEU A 131 -12.83 10.36 14.36
CA LEU A 131 -14.15 10.43 14.98
C LEU A 131 -14.59 9.11 15.57
N MET A 132 -13.73 8.08 15.52
CA MET A 132 -14.09 6.74 15.94
C MET A 132 -13.26 6.30 17.13
N ASN A 133 -13.88 5.47 17.98
CA ASN A 133 -13.11 4.60 18.86
C ASN A 133 -13.55 3.16 18.66
N LYS A 134 -13.08 2.26 19.52
CA LYS A 134 -13.45 0.86 19.37
C LYS A 134 -14.95 0.61 19.53
N ASP A 135 -15.72 1.59 20.01
CA ASP A 135 -17.13 1.36 20.33
C ASP A 135 -18.12 2.15 19.48
N GLY A 136 -17.65 3.14 18.70
CA GLY A 136 -18.56 3.84 17.83
C GLY A 136 -17.92 5.07 17.20
N VAL A 137 -18.79 5.94 16.68
CA VAL A 137 -18.37 7.05 15.82
C VAL A 137 -19.19 8.29 16.17
N LEU A 138 -18.51 9.41 16.34
CA LEU A 138 -19.18 10.69 16.51
C LEU A 138 -19.82 11.13 15.20
N ILE A 139 -21.03 11.69 15.28
CA ILE A 139 -21.75 12.22 14.12
C ILE A 139 -22.28 13.61 14.46
N SER A 140 -22.59 14.38 13.41
CA SER A 140 -23.18 15.71 13.55
C SER A 140 -22.34 16.61 14.45
N GLU A 141 -21.09 16.81 14.05
CA GLU A 141 -20.18 17.68 14.79
C GLU A 141 -20.10 17.27 16.26
N GLY A 142 -20.15 15.96 16.51
CA GLY A 142 -19.93 15.44 17.84
C GLY A 142 -21.14 15.43 18.75
N GLN A 143 -22.32 15.65 18.20
CA GLN A 143 -23.53 15.70 19.00
C GLN A 143 -24.20 14.35 19.12
N GLY A 144 -23.94 13.47 18.17
CA GLY A 144 -24.44 12.12 18.32
C GLY A 144 -23.27 11.19 18.40
N PHE A 145 -23.54 9.99 18.91
CA PHE A 145 -22.57 8.91 18.93
C PHE A 145 -23.31 7.64 18.54
N MET A 146 -22.90 7.02 17.44
CA MET A 146 -23.58 5.85 16.91
C MET A 146 -22.71 4.63 17.20
N THR A 147 -23.28 3.63 17.89
CA THR A 147 -22.43 2.55 18.38
C THR A 147 -21.97 1.64 17.25
N ARG A 148 -20.74 1.13 17.43
CA ARG A 148 -20.19 0.14 16.53
C ARG A 148 -21.10 -1.07 16.41
N GLU A 149 -21.64 -1.54 17.54
CA GLU A 149 -22.38 -2.80 17.53
C GLU A 149 -23.69 -2.64 16.78
N PHE A 150 -24.33 -1.49 16.88
CA PHE A 150 -25.53 -1.26 16.11
C PHE A 150 -25.21 -1.12 14.62
N LEU A 151 -24.12 -0.45 14.28
CA LEU A 151 -23.70 -0.42 12.88
C LEU A 151 -23.35 -1.82 12.38
N LYS A 152 -22.47 -2.55 13.11
CA LYS A 152 -21.97 -3.83 12.61
C LYS A 152 -23.10 -4.84 12.45
N SER A 153 -24.18 -4.70 13.22
CA SER A 153 -25.29 -5.63 13.16
C SER A 153 -26.41 -5.18 12.23
N LEU A 154 -26.12 -4.30 11.28
CA LEU A 154 -27.11 -4.01 10.26
C LEU A 154 -27.26 -5.20 9.33
N ARG A 155 -28.41 -5.28 8.66
CA ARG A 155 -28.77 -6.48 7.92
C ARG A 155 -27.92 -6.61 6.64
N LYS A 156 -28.15 -7.73 5.94
CA LYS A 156 -27.63 -8.22 4.66
C LYS A 156 -26.19 -7.71 4.44
N PRO A 157 -25.83 -6.85 3.46
CA PRO A 157 -24.42 -6.49 3.35
C PRO A 157 -24.03 -5.24 4.12
N PHE A 158 -24.99 -4.46 4.60
CA PHE A 158 -24.69 -3.17 5.21
C PHE A 158 -23.84 -3.33 6.46
N GLY A 159 -24.12 -4.35 7.27
CA GLY A 159 -23.26 -4.63 8.41
C GLY A 159 -21.82 -4.86 8.01
N ASP A 160 -21.62 -5.73 7.01
CA ASP A 160 -20.26 -5.97 6.50
C ASP A 160 -19.64 -4.73 5.89
N PHE A 161 -20.46 -3.73 5.54
CA PHE A 161 -19.91 -2.53 4.92
C PHE A 161 -19.41 -1.54 5.97
N MET A 162 -20.03 -1.50 7.15
CA MET A 162 -19.63 -0.52 8.15
C MET A 162 -18.40 -0.97 8.92
N GLU A 163 -18.31 -2.27 9.23
CA GLU A 163 -17.30 -2.75 10.17
C GLU A 163 -15.85 -2.54 9.72
N PRO A 164 -15.47 -2.67 8.44
CA PRO A 164 -14.05 -2.45 8.09
C PRO A 164 -13.55 -1.05 8.40
N LYS A 165 -14.42 -0.05 8.32
CA LYS A 165 -14.07 1.30 8.75
C LYS A 165 -13.57 1.31 10.19
N PHE A 166 -14.28 0.63 11.11
CA PHE A 166 -13.83 0.54 12.49
C PHE A 166 -12.54 -0.26 12.59
N GLU A 167 -12.46 -1.37 11.86
CA GLU A 167 -11.25 -2.17 11.87
C GLU A 167 -10.03 -1.35 11.45
N PHE A 168 -10.14 -0.56 10.38
CA PHE A 168 -9.03 0.32 10.01
C PHE A 168 -8.76 1.36 11.10
N ALA A 169 -9.83 2.04 11.56
CA ALA A 169 -9.68 3.16 12.48
C ALA A 169 -8.99 2.75 13.77
N VAL A 170 -9.29 1.56 14.29
CA VAL A 170 -8.67 1.12 15.53
C VAL A 170 -7.17 0.96 15.36
N LYS A 171 -6.76 0.27 14.29
CA LYS A 171 -5.35 0.16 13.96
C LYS A 171 -4.72 1.53 13.72
N PHE A 172 -5.40 2.39 12.95
CA PHE A 172 -4.77 3.68 12.64
C PHE A 172 -4.62 4.56 13.88
N ASN A 173 -5.61 4.52 14.78
CA ASN A 173 -5.56 5.34 15.98
C ASN A 173 -4.48 4.91 16.97
N ALA A 174 -4.01 3.65 16.89
CA ALA A 174 -2.87 3.22 17.70
C ALA A 174 -1.60 4.02 17.43
N LEU A 175 -1.52 4.75 16.32
CA LEU A 175 -0.40 5.64 16.09
C LEU A 175 -0.48 6.89 16.95
N GLU A 176 -1.66 7.22 17.48
CA GLU A 176 -1.86 8.38 18.37
C GLU A 176 -1.41 9.70 17.71
N LEU A 177 -1.72 9.88 16.43
CA LEU A 177 -1.42 11.14 15.79
C LEU A 177 -2.37 12.23 16.28
N ASP A 178 -1.89 13.46 16.36
CA ASP A 178 -2.79 14.58 16.59
C ASP A 178 -3.02 15.38 15.31
N ASP A 179 -3.86 16.40 15.43
CA ASP A 179 -4.27 17.23 14.30
C ASP A 179 -3.07 17.82 13.56
N SER A 180 -2.07 18.32 14.29
CA SER A 180 -0.92 18.88 13.60
C SER A 180 -0.18 17.82 12.80
N ASP A 181 -0.15 16.58 13.30
CA ASP A 181 0.38 15.47 12.51
C ASP A 181 -0.47 15.23 11.27
N LEU A 182 -1.80 15.17 11.44
CA LEU A 182 -2.69 14.73 10.38
C LEU A 182 -2.75 15.75 9.26
N ALA A 183 -2.61 17.04 9.58
CA ALA A 183 -2.74 18.09 8.57
C ALA A 183 -1.67 17.91 7.49
N ILE A 184 -0.43 17.61 7.89
CA ILE A 184 0.61 17.31 6.90
C ILE A 184 0.31 16.00 6.20
N PHE A 185 -0.15 15.00 6.96
CA PHE A 185 -0.35 13.66 6.39
C PHE A 185 -1.40 13.70 5.27
N ILE A 186 -2.52 14.37 5.53
CA ILE A 186 -3.56 14.62 4.53
C ILE A 186 -2.97 15.27 3.28
N ALA A 187 -2.09 16.26 3.45
CA ALA A 187 -1.51 16.94 2.31
C ALA A 187 -0.70 15.98 1.45
N VAL A 188 0.08 15.11 2.09
CA VAL A 188 0.91 14.14 1.36
C VAL A 188 0.04 13.25 0.49
N ILE A 189 -1.09 12.77 1.02
CA ILE A 189 -1.97 11.91 0.24
C ILE A 189 -2.46 12.63 -1.00
N ILE A 190 -2.89 13.88 -0.83
CA ILE A 190 -3.40 14.65 -1.94
C ILE A 190 -2.35 14.77 -3.02
N LEU A 191 -1.12 15.05 -2.64
CA LEU A 191 -0.06 15.29 -3.62
C LEU A 191 0.61 14.00 -4.09
N SER A 192 -0.17 13.00 -4.51
CA SER A 192 0.40 11.75 -4.99
C SER A 192 0.59 11.80 -6.50
N GLY A 193 1.84 11.71 -6.95
CA GLY A 193 2.09 11.80 -8.36
C GLY A 193 1.77 10.58 -9.17
N ASP A 194 1.28 9.50 -8.57
CA ASP A 194 1.01 8.29 -9.34
C ASP A 194 -0.47 8.16 -9.71
N ARG A 195 -1.26 9.20 -9.49
CA ARG A 195 -2.67 9.14 -9.88
C ARG A 195 -2.79 9.04 -11.40
N PRO A 196 -3.66 8.15 -11.90
CA PRO A 196 -3.80 8.00 -13.35
C PRO A 196 -4.19 9.33 -14.00
N GLY A 197 -3.64 9.54 -15.19
CA GLY A 197 -4.03 10.66 -16.03
C GLY A 197 -3.44 11.99 -15.65
N LEU A 198 -2.40 12.04 -14.82
CA LEU A 198 -1.77 13.33 -14.50
C LEU A 198 -0.95 13.81 -15.70
N LEU A 199 -1.18 15.05 -16.09
CA LEU A 199 -0.46 15.62 -17.22
C LEU A 199 0.94 16.09 -16.83
N ASN A 200 1.17 16.48 -15.56
CA ASN A 200 2.46 17.06 -15.18
C ASN A 200 2.86 16.60 -13.79
N VAL A 201 3.47 15.42 -13.72
CA VAL A 201 3.77 14.77 -12.46
C VAL A 201 4.86 15.50 -11.69
N LYS A 202 5.80 16.12 -12.41
CA LYS A 202 7.00 16.67 -11.77
C LYS A 202 6.68 17.66 -10.66
N PRO A 203 5.87 18.72 -10.87
CA PRO A 203 5.65 19.69 -9.78
C PRO A 203 4.85 19.11 -8.63
N ILE A 204 4.10 18.02 -8.85
CA ILE A 204 3.35 17.39 -7.79
C ILE A 204 4.27 16.62 -6.86
N GLU A 205 5.19 15.84 -7.43
CA GLU A 205 6.23 15.21 -6.61
C GLU A 205 7.10 16.24 -5.93
N ASP A 206 7.34 17.40 -6.56
CA ASP A 206 8.18 18.40 -5.90
C ASP A 206 7.50 18.92 -4.64
N ILE A 207 6.19 19.13 -4.70
CA ILE A 207 5.46 19.55 -3.52
C ILE A 207 5.45 18.42 -2.50
N GLN A 208 5.12 17.20 -2.93
CA GLN A 208 5.00 16.11 -1.99
C GLN A 208 6.31 15.87 -1.26
N ASP A 209 7.44 16.14 -1.90
CA ASP A 209 8.72 15.99 -1.23
C ASP A 209 8.89 17.02 -0.12
N ASN A 210 8.45 18.26 -0.33
CA ASN A 210 8.46 19.22 0.78
C ASN A 210 7.54 18.78 1.89
N LEU A 211 6.36 18.25 1.56
CA LEU A 211 5.44 17.81 2.58
C LEU A 211 6.01 16.65 3.38
N LEU A 212 6.64 15.68 2.70
CA LEU A 212 7.27 14.55 3.37
C LEU A 212 8.36 15.01 4.33
N GLN A 213 9.22 15.92 3.87
CA GLN A 213 10.22 16.48 4.77
C GLN A 213 9.57 17.13 5.97
N ALA A 214 8.44 17.79 5.76
CA ALA A 214 7.81 18.50 6.87
C ALA A 214 7.18 17.50 7.82
N LEU A 215 6.54 16.46 7.29
CA LEU A 215 5.98 15.41 8.12
C LEU A 215 7.06 14.67 8.90
N GLU A 216 8.16 14.33 8.23
CA GLU A 216 9.26 13.64 8.89
C GLU A 216 9.74 14.40 10.13
N LEU A 217 9.96 15.70 9.99
CA LEU A 217 10.46 16.51 11.09
C LEU A 217 9.37 16.76 12.14
N GLN A 218 8.13 16.93 11.70
CA GLN A 218 7.02 17.11 12.63
C GLN A 218 6.88 15.88 13.54
N LEU A 219 7.05 14.67 12.98
CA LEU A 219 6.86 13.46 13.76
C LEU A 219 8.00 13.27 14.76
N LYS A 220 9.23 13.63 14.37
CA LYS A 220 10.35 13.52 15.29
C LYS A 220 10.25 14.51 16.44
N LEU A 221 9.78 15.72 16.17
CA LEU A 221 9.65 16.69 17.25
C LEU A 221 8.45 16.41 18.14
N ASN A 222 7.35 15.96 17.56
CA ASN A 222 6.11 15.81 18.31
C ASN A 222 5.96 14.42 18.91
N HIS A 223 6.63 13.41 18.34
CA HIS A 223 6.63 12.04 18.88
C HIS A 223 8.06 11.56 19.01
N PRO A 224 8.87 12.25 19.81
CA PRO A 224 10.30 11.92 19.88
C PRO A 224 10.57 10.50 20.34
N GLU A 225 9.65 9.86 21.05
CA GLU A 225 9.87 8.51 21.56
C GLU A 225 9.16 7.44 20.75
N SER A 226 8.70 7.75 19.54
CA SER A 226 7.97 6.80 18.71
C SER A 226 8.86 6.46 17.50
N SER A 227 9.68 5.41 17.65
CA SER A 227 10.68 5.06 16.63
C SER A 227 10.03 4.68 15.31
N GLN A 228 10.61 5.17 14.22
CA GLN A 228 10.11 4.92 12.86
C GLN A 228 8.61 5.18 12.77
N LEU A 229 8.15 6.25 13.42
CA LEU A 229 6.74 6.58 13.24
C LEU A 229 6.49 7.06 11.81
N PHE A 230 7.39 7.89 11.28
CA PHE A 230 7.36 8.26 9.87
C PHE A 230 7.15 7.05 8.96
N ALA A 231 8.04 6.06 9.07
CA ALA A 231 7.92 4.85 8.26
C ALA A 231 6.57 4.17 8.46
N LYS A 232 6.13 4.03 9.70
CA LYS A 232 4.91 3.29 9.98
C LYS A 232 3.70 4.00 9.39
N LEU A 233 3.73 5.33 9.41
CA LEU A 233 2.64 6.11 8.85
C LEU A 233 2.61 5.98 7.34
N LEU A 234 3.77 5.88 6.69
CA LEU A 234 3.77 5.67 5.25
C LEU A 234 3.24 4.28 4.91
N GLN A 235 3.58 3.28 5.72
CA GLN A 235 2.97 1.97 5.54
C GLN A 235 1.44 2.06 5.60
N LYS A 236 0.90 2.89 6.50
CA LYS A 236 -0.55 3.04 6.55
C LYS A 236 -1.08 3.53 5.22
N MET A 237 -0.40 4.51 4.63
CA MET A 237 -0.78 5.01 3.31
C MET A 237 -0.77 3.90 2.27
N THR A 238 0.03 2.84 2.49
CA THR A 238 -0.06 1.64 1.67
C THR A 238 -1.47 1.08 1.81
N ASP A 239 -1.83 0.58 3.01
CA ASP A 239 -3.13 -0.04 3.24
C ASP A 239 -4.27 0.75 2.59
N LEU A 240 -4.33 2.05 2.90
CA LEU A 240 -5.43 2.90 2.43
C LEU A 240 -5.80 2.62 0.99
N ARG A 241 -4.79 2.45 0.13
CA ARG A 241 -5.05 2.06 -1.25
C ARG A 241 -5.89 0.80 -1.31
N GLN A 242 -5.52 -0.20 -0.52
CA GLN A 242 -6.22 -1.49 -0.53
C GLN A 242 -7.65 -1.33 -0.04
N ILE A 243 -7.84 -0.67 1.11
CA ILE A 243 -9.17 -0.55 1.68
C ILE A 243 -10.08 0.27 0.77
N VAL A 244 -9.55 1.31 0.13
CA VAL A 244 -10.36 2.06 -0.84
C VAL A 244 -10.83 1.14 -1.96
N THR A 245 -9.97 0.22 -2.41
CA THR A 245 -10.39 -0.69 -3.49
C THR A 245 -11.44 -1.68 -3.01
N GLU A 246 -11.22 -2.31 -1.85
CA GLU A 246 -12.25 -3.17 -1.28
C GLU A 246 -13.56 -2.44 -1.12
N HIS A 247 -13.49 -1.16 -0.75
CA HIS A 247 -14.68 -0.36 -0.52
C HIS A 247 -15.50 -0.23 -1.79
N VAL A 248 -14.84 0.13 -2.89
CA VAL A 248 -15.52 0.37 -4.16
C VAL A 248 -16.16 -0.92 -4.68
N GLN A 249 -15.45 -2.03 -4.59
CA GLN A 249 -16.06 -3.31 -4.93
C GLN A 249 -17.20 -3.67 -3.99
N LEU A 250 -17.29 -3.03 -2.82
CA LEU A 250 -18.44 -3.27 -1.95
C LEU A 250 -19.61 -2.34 -2.28
N LEU A 251 -19.34 -1.16 -2.77
CA LEU A 251 -20.48 -0.33 -3.21
C LEU A 251 -21.06 -1.00 -4.47
N GLN A 252 -20.24 -1.81 -5.13
CA GLN A 252 -20.70 -2.44 -6.40
C GLN A 252 -21.81 -3.46 -6.09
N VAL A 253 -21.52 -4.38 -5.18
CA VAL A 253 -22.51 -5.45 -4.84
C VAL A 253 -23.84 -4.80 -4.44
N ILE A 254 -23.81 -3.75 -3.61
CA ILE A 254 -25.11 -3.20 -3.14
C ILE A 254 -25.91 -2.73 -4.36
N LYS A 255 -25.26 -2.07 -5.31
CA LYS A 255 -25.99 -1.50 -6.47
C LYS A 255 -26.42 -2.66 -7.37
N LYS A 256 -25.70 -3.76 -7.32
CA LYS A 256 -26.08 -4.95 -8.12
C LYS A 256 -27.21 -5.67 -7.40
N THR A 257 -27.06 -5.89 -6.09
CA THR A 257 -28.04 -6.74 -5.38
C THR A 257 -29.23 -5.96 -4.93
N GLU A 258 -28.99 -4.88 -4.20
CA GLU A 258 -30.13 -4.14 -3.60
C GLU A 258 -30.76 -3.22 -4.64
N THR A 259 -29.95 -2.38 -5.30
CA THR A 259 -30.48 -1.42 -6.30
C THR A 259 -31.83 -0.94 -5.85
N MET A 261 -32.50 0.73 -4.44
CA MET A 261 -31.98 1.92 -3.69
C MET A 261 -32.85 3.15 -3.95
N SER A 262 -32.22 4.28 -4.29
CA SER A 262 -33.01 5.53 -4.49
C SER A 262 -33.52 5.59 -5.94
N LEU A 263 -34.27 6.63 -6.26
CA LEU A 263 -34.76 6.79 -7.66
C LEU A 263 -34.48 8.23 -8.12
N HIS A 264 -34.70 9.24 -7.27
CA HIS A 264 -34.56 10.64 -7.73
C HIS A 264 -33.25 10.82 -8.48
N PRO A 265 -33.26 10.97 -9.82
CA PRO A 265 -32.02 11.03 -10.57
C PRO A 265 -31.13 12.18 -10.12
N LEU A 266 -31.74 13.30 -9.74
CA LEU A 266 -30.96 14.47 -9.27
C LEU A 266 -30.18 14.05 -8.03
N LEU A 267 -30.86 13.47 -7.05
CA LEU A 267 -30.16 12.92 -5.90
C LEU A 267 -29.00 12.03 -6.32
N GLN A 268 -29.28 11.04 -7.19
CA GLN A 268 -28.22 10.15 -7.67
C GLN A 268 -27.11 10.90 -8.37
N GLU A 269 -27.42 12.04 -9.00
CA GLU A 269 -26.36 12.78 -9.67
C GLU A 269 -25.45 13.46 -8.66
N ILE A 270 -26.03 14.03 -7.60
CA ILE A 270 -25.23 14.62 -6.53
C ILE A 270 -24.26 13.59 -5.97
N TYR A 271 -24.71 12.37 -5.77
CA TYR A 271 -23.91 11.29 -5.22
C TYR A 271 -23.14 10.50 -6.29
N LYS A 272 -23.16 10.94 -7.55
CA LYS A 272 -22.56 10.22 -8.67
C LYS A 272 -21.16 9.69 -8.35
N HIS B 3 16.17 2.58 18.98
CA HIS B 3 17.22 3.33 18.30
C HIS B 3 18.58 2.65 18.43
N MET B 4 19.42 2.78 17.40
CA MET B 4 20.77 2.23 17.41
C MET B 4 21.79 3.30 17.01
N GLU B 5 23.04 3.07 17.42
CA GLU B 5 24.15 3.91 16.98
C GLU B 5 24.44 3.64 15.51
N SER B 6 24.89 4.70 14.80
CA SER B 6 25.08 4.61 13.36
C SER B 6 26.01 3.47 12.98
N ALA B 7 27.09 3.27 13.75
CA ALA B 7 28.01 2.18 13.45
C ALA B 7 27.34 0.81 13.56
N ASP B 8 26.31 0.71 14.40
CA ASP B 8 25.55 -0.54 14.49
C ASP B 8 24.62 -0.72 13.31
N LEU B 9 24.04 0.39 12.83
CA LEU B 9 23.22 0.37 11.63
C LEU B 9 24.06 0.07 10.39
N ARG B 10 25.21 0.72 10.24
CA ARG B 10 26.11 0.34 9.15
C ARG B 10 26.50 -1.13 9.24
N ALA B 11 26.72 -1.65 10.44
CA ALA B 11 27.11 -3.05 10.61
C ALA B 11 26.01 -3.99 10.18
N LEU B 12 24.74 -3.62 10.42
CA LEU B 12 23.63 -4.47 10.02
C LEU B 12 23.47 -4.47 8.50
N ALA B 13 23.66 -3.31 7.87
CA ALA B 13 23.63 -3.22 6.41
C ALA B 13 24.71 -4.08 5.77
N LYS B 14 25.92 -4.03 6.29
CA LYS B 14 27.00 -4.88 5.78
C LYS B 14 26.68 -6.37 5.94
N HIS B 15 26.21 -6.77 7.13
CA HIS B 15 25.80 -8.16 7.34
C HIS B 15 24.72 -8.57 6.35
N LEU B 16 23.74 -7.71 6.10
CA LEU B 16 22.66 -8.12 5.23
C LEU B 16 23.12 -8.20 3.78
N TYR B 17 23.98 -7.26 3.35
CA TYR B 17 24.46 -7.30 1.98
C TYR B 17 25.31 -8.55 1.72
N ASP B 18 26.17 -8.91 2.68
CA ASP B 18 26.97 -10.13 2.58
C ASP B 18 26.10 -11.38 2.48
N SER B 19 24.97 -11.43 3.20
CA SER B 19 24.12 -12.61 3.16
C SER B 19 23.38 -12.70 1.85
N TYR B 20 22.90 -11.56 1.36
CA TYR B 20 22.21 -11.50 0.08
C TYR B 20 23.12 -12.00 -1.05
N ILE B 21 24.38 -11.59 -1.04
CA ILE B 21 25.35 -12.06 -2.03
C ILE B 21 25.51 -13.57 -1.95
N LYS B 22 25.46 -14.11 -0.73
CA LYS B 22 25.65 -15.55 -0.60
C LYS B 22 24.39 -16.32 -0.94
N SER B 23 23.23 -15.70 -0.82
CA SER B 23 21.97 -16.41 -1.04
C SER B 23 21.45 -16.29 -2.47
N PHE B 24 21.81 -15.24 -3.18
CA PHE B 24 21.22 -14.97 -4.49
C PHE B 24 22.30 -14.97 -5.56
N PRO B 25 22.37 -16.00 -6.40
CA PRO B 25 23.51 -16.13 -7.31
C PRO B 25 23.54 -15.07 -8.42
N LEU B 26 22.41 -14.50 -8.79
CA LEU B 26 22.39 -13.53 -9.87
C LEU B 26 21.96 -12.19 -9.28
N THR B 27 22.94 -11.35 -8.96
CA THR B 27 22.69 -10.04 -8.39
C THR B 27 22.27 -9.04 -9.45
N LYS B 28 21.70 -7.92 -9.00
CA LYS B 28 21.39 -6.82 -9.92
C LYS B 28 22.64 -6.29 -10.61
N ALA B 29 23.76 -6.22 -9.88
CA ALA B 29 25.00 -5.77 -10.51
C ALA B 29 25.40 -6.67 -11.67
N LYS B 30 25.29 -7.99 -11.49
CA LYS B 30 25.65 -8.88 -12.59
C LYS B 30 24.62 -8.80 -13.71
N ALA B 31 23.33 -8.69 -13.35
CA ALA B 31 22.29 -8.56 -14.36
C ALA B 31 22.45 -7.29 -15.19
N ARG B 32 22.79 -6.18 -14.55
CA ARG B 32 22.95 -4.93 -15.28
C ARG B 32 24.15 -4.99 -16.23
N ALA B 33 25.21 -5.71 -15.87
CA ALA B 33 26.34 -5.89 -16.76
C ALA B 33 25.94 -6.70 -17.98
N ILE B 34 25.13 -7.76 -17.78
CA ILE B 34 24.69 -8.56 -18.91
C ILE B 34 23.74 -7.76 -19.80
N LEU B 35 22.87 -6.95 -19.21
CA LEU B 35 21.87 -6.22 -20.00
C LEU B 35 22.49 -5.07 -20.78
N THR B 36 23.47 -4.38 -20.19
CA THR B 36 24.15 -3.28 -20.86
C THR B 36 25.02 -3.77 -22.00
N GLY B 37 25.60 -4.95 -21.85
CA GLY B 37 26.46 -5.50 -22.88
C GLY B 37 27.80 -4.82 -22.87
N LYS B 38 28.26 -4.44 -24.05
CA LYS B 38 29.62 -3.96 -24.29
C LYS B 38 30.67 -4.97 -23.84
N THR B 39 30.25 -6.22 -23.62
CA THR B 39 31.15 -7.32 -23.27
C THR B 39 30.76 -8.53 -24.09
N THR B 40 31.78 -9.22 -24.62
CA THR B 40 31.56 -10.39 -25.47
C THR B 40 31.21 -11.66 -24.66
N ASP B 41 31.78 -11.83 -23.47
CA ASP B 41 31.66 -13.10 -22.77
C ASP B 41 30.31 -13.28 -22.08
N LYS B 42 29.66 -12.19 -21.68
CA LYS B 42 28.44 -12.26 -20.88
C LYS B 42 27.17 -12.20 -21.71
N SER B 43 27.26 -12.32 -23.03
CA SER B 43 26.17 -11.92 -23.92
C SER B 43 25.08 -12.99 -23.95
N PRO B 44 23.82 -12.62 -23.71
CA PRO B 44 22.76 -13.63 -23.67
C PRO B 44 22.22 -13.94 -25.06
N PHE B 45 21.78 -15.19 -25.19
CA PHE B 45 20.96 -15.58 -26.32
C PHE B 45 19.55 -15.04 -26.12
N VAL B 46 18.97 -14.46 -27.18
CA VAL B 46 17.72 -13.74 -27.07
C VAL B 46 16.58 -14.58 -27.63
N ILE B 47 15.50 -14.75 -26.85
CA ILE B 47 14.31 -15.48 -27.30
C ILE B 47 13.20 -14.47 -27.59
N TYR B 48 12.83 -14.33 -28.86
CA TYR B 48 11.79 -13.38 -29.28
C TYR B 48 10.64 -14.03 -30.06
N ASP B 49 10.70 -15.34 -30.34
CA ASP B 49 9.65 -16.04 -31.07
C ASP B 49 9.86 -17.55 -30.90
N MET B 50 9.05 -18.34 -31.63
CA MET B 50 9.10 -19.79 -31.49
C MET B 50 10.43 -20.37 -31.98
N ASN B 51 10.94 -19.90 -33.12
CA ASN B 51 12.20 -20.39 -33.66
C ASN B 51 13.34 -20.22 -32.67
N SER B 52 13.51 -19.00 -32.14
CA SER B 52 14.62 -18.78 -31.23
C SER B 52 14.41 -19.54 -29.91
N LEU B 53 13.17 -19.79 -29.52
CA LEU B 53 12.94 -20.64 -28.35
C LEU B 53 13.50 -22.03 -28.61
N MET B 54 13.22 -22.59 -29.78
CA MET B 54 13.68 -23.93 -30.12
C MET B 54 15.20 -23.99 -30.11
N MET B 55 15.85 -23.07 -30.83
CA MET B 55 17.30 -22.96 -30.77
C MET B 55 17.75 -22.81 -29.32
N GLY B 56 17.15 -21.84 -28.61
CA GLY B 56 17.42 -21.55 -27.21
C GLY B 56 17.62 -22.76 -26.32
N GLU B 57 16.73 -23.75 -26.41
CA GLU B 57 16.87 -24.97 -25.63
C GLU B 57 18.07 -25.80 -26.06
N ASP B 58 18.59 -25.60 -27.28
CA ASP B 58 19.80 -26.29 -27.73
C ASP B 58 21.09 -25.56 -27.36
N LYS B 59 21.01 -24.27 -27.00
CA LYS B 59 22.17 -23.47 -26.64
C LYS B 59 22.34 -23.32 -25.13
N ILE B 60 21.37 -22.69 -24.47
CA ILE B 60 21.47 -22.40 -23.04
C ILE B 60 20.78 -23.51 -22.25
N LYS B 61 21.32 -23.79 -21.06
CA LYS B 61 20.91 -24.94 -20.26
C LYS B 61 19.70 -24.57 -19.42
N PHE B 62 18.50 -24.88 -19.93
CA PHE B 62 17.27 -24.69 -19.16
C PHE B 62 17.11 -25.79 -18.14
N LYS B 63 16.97 -25.41 -16.87
CA LYS B 63 16.62 -26.35 -15.81
C LYS B 63 15.10 -26.50 -15.73
N HIS B 64 14.50 -26.87 -16.87
CA HIS B 64 13.05 -27.04 -16.96
C HIS B 64 12.77 -27.83 -18.23
N ILE B 65 12.60 -29.14 -18.10
CA ILE B 65 12.47 -30.03 -19.24
C ILE B 65 11.24 -29.70 -20.10
N SER B 72 6.84 -32.01 -25.01
CA SER B 72 5.71 -32.34 -25.88
C SER B 72 4.57 -31.36 -25.67
N LYS B 73 4.83 -30.31 -24.90
CA LYS B 73 3.79 -29.45 -24.35
C LYS B 73 3.61 -28.19 -25.18
N GLU B 74 2.46 -27.55 -24.99
CA GLU B 74 2.16 -26.29 -25.64
C GLU B 74 3.03 -25.17 -25.04
N VAL B 75 3.32 -24.16 -25.86
CA VAL B 75 4.46 -23.30 -25.57
C VAL B 75 4.20 -22.41 -24.36
N ALA B 76 2.99 -21.84 -24.23
CA ALA B 76 2.73 -20.96 -23.09
C ALA B 76 2.77 -21.75 -21.79
N ILE B 77 2.22 -22.96 -21.79
CA ILE B 77 2.35 -23.83 -20.62
C ILE B 77 3.82 -24.05 -20.31
N ARG B 78 4.61 -24.38 -21.34
CA ARG B 78 6.02 -24.68 -21.15
C ARG B 78 6.74 -23.52 -20.49
N ILE B 79 6.43 -22.30 -20.92
CA ILE B 79 7.02 -21.12 -20.30
C ILE B 79 6.49 -20.93 -18.90
N PHE B 80 5.18 -21.11 -18.71
CA PHE B 80 4.62 -21.05 -17.37
C PHE B 80 5.36 -21.99 -16.43
N GLN B 81 5.50 -23.27 -16.80
CA GLN B 81 6.17 -24.20 -15.91
C GLN B 81 7.62 -23.77 -15.66
N GLY B 82 8.23 -23.09 -16.62
CA GLY B 82 9.57 -22.56 -16.40
C GLY B 82 9.62 -21.56 -15.26
N CYS B 83 8.63 -20.65 -15.22
CA CYS B 83 8.61 -19.61 -14.19
C CYS B 83 8.35 -20.21 -12.81
N GLN B 84 7.40 -21.15 -12.72
CA GLN B 84 7.06 -21.71 -11.42
C GLN B 84 8.22 -22.52 -10.88
N PHE B 85 8.90 -23.30 -11.74
CA PHE B 85 10.10 -24.00 -11.29
C PHE B 85 11.11 -23.00 -10.74
N ARG B 86 11.22 -21.84 -11.39
CA ARG B 86 12.18 -20.83 -10.96
C ARG B 86 11.66 -20.05 -9.75
N SER B 87 10.34 -19.83 -9.66
CA SER B 87 9.77 -19.27 -8.45
C SER B 87 10.05 -20.15 -7.23
N VAL B 88 10.01 -21.47 -7.40
CA VAL B 88 10.28 -22.35 -6.28
C VAL B 88 11.74 -22.21 -5.84
N GLU B 89 12.65 -22.21 -6.79
CA GLU B 89 14.04 -21.92 -6.47
C GLU B 89 14.19 -20.59 -5.76
N ALA B 90 13.39 -19.60 -6.14
CA ALA B 90 13.48 -18.29 -5.51
C ALA B 90 13.01 -18.35 -4.06
N VAL B 91 11.88 -19.00 -3.83
CA VAL B 91 11.42 -19.27 -2.46
C VAL B 91 12.52 -19.92 -1.64
N GLN B 92 13.19 -20.92 -2.21
CA GLN B 92 14.29 -21.57 -1.52
C GLN B 92 15.36 -20.55 -1.13
N GLU B 93 15.80 -19.73 -2.10
CA GLU B 93 16.88 -18.78 -1.85
C GLU B 93 16.45 -17.72 -0.85
N ILE B 94 15.21 -17.23 -0.96
CA ILE B 94 14.69 -16.23 -0.03
C ILE B 94 14.61 -16.81 1.39
N THR B 95 14.16 -18.06 1.51
CA THR B 95 14.09 -18.69 2.81
C THR B 95 15.46 -18.73 3.48
N GLU B 96 16.48 -19.13 2.73
CA GLU B 96 17.83 -19.17 3.27
C GLU B 96 18.30 -17.78 3.69
N TYR B 97 17.93 -16.75 2.92
CA TYR B 97 18.32 -15.40 3.26
C TYR B 97 17.61 -14.91 4.52
N ALA B 98 16.33 -15.23 4.64
CA ALA B 98 15.56 -14.83 5.82
C ALA B 98 16.24 -15.31 7.09
N LYS B 99 16.58 -16.59 7.13
CA LYS B 99 17.25 -17.16 8.30
C LYS B 99 18.47 -16.37 8.74
N SER B 100 19.12 -15.63 7.85
CA SER B 100 20.27 -14.84 8.21
C SER B 100 19.88 -13.49 8.83
N ILE B 101 18.64 -13.06 8.68
CA ILE B 101 18.22 -11.81 9.30
C ILE B 101 18.24 -11.94 10.82
N PRO B 102 19.05 -11.15 11.53
CA PRO B 102 19.15 -11.31 12.99
C PRO B 102 17.80 -11.29 13.65
N GLY B 103 17.57 -12.24 14.52
CA GLY B 103 16.32 -12.35 15.24
C GLY B 103 15.27 -13.19 14.53
N PHE B 104 15.41 -13.39 13.22
CA PHE B 104 14.35 -14.10 12.51
C PHE B 104 14.18 -15.54 13.02
N VAL B 105 15.28 -16.28 13.19
CA VAL B 105 15.11 -17.68 13.54
C VAL B 105 14.73 -17.86 15.00
N ASN B 106 14.74 -16.77 15.76
CA ASN B 106 14.37 -16.83 17.17
C ASN B 106 12.89 -16.53 17.39
N LEU B 107 12.21 -16.02 16.37
CA LEU B 107 10.78 -15.85 16.46
C LEU B 107 10.07 -17.19 16.61
N ASP B 108 8.85 -17.10 17.11
CA ASP B 108 7.93 -18.23 17.08
C ASP B 108 7.90 -18.88 15.71
N LEU B 109 7.92 -20.21 15.71
CA LEU B 109 8.10 -20.98 14.49
C LEU B 109 6.94 -20.82 13.51
N ASN B 110 5.70 -20.67 14.00
CA ASN B 110 4.59 -20.40 13.09
C ASN B 110 4.60 -18.99 12.57
N ASP B 111 5.22 -18.05 13.29
CA ASP B 111 5.38 -16.71 12.75
C ASP B 111 6.41 -16.70 11.62
N GLN B 112 7.53 -17.40 11.79
CA GLN B 112 8.49 -17.57 10.71
C GLN B 112 7.78 -18.07 9.45
N VAL B 113 6.92 -19.08 9.61
CA VAL B 113 6.22 -19.64 8.46
C VAL B 113 5.28 -18.62 7.87
N THR B 114 4.52 -17.94 8.72
CA THR B 114 3.58 -16.92 8.25
C THR B 114 4.30 -15.77 7.53
N LEU B 115 5.48 -15.38 8.00
CA LEU B 115 6.15 -14.24 7.37
C LEU B 115 6.68 -14.62 6.00
N LEU B 116 7.22 -15.84 5.86
CA LEU B 116 7.64 -16.31 4.54
C LEU B 116 6.45 -16.49 3.62
N LYS B 117 5.38 -17.12 4.13
CA LYS B 117 4.17 -17.37 3.34
C LYS B 117 3.68 -16.11 2.61
N TYR B 118 3.58 -14.99 3.34
CA TYR B 118 3.09 -13.75 2.74
C TYR B 118 4.21 -12.87 2.18
N GLY B 119 5.47 -13.19 2.45
CA GLY B 119 6.55 -12.32 2.02
C GLY B 119 7.28 -12.73 0.76
N VAL B 120 7.32 -14.02 0.40
CA VAL B 120 8.17 -14.45 -0.72
C VAL B 120 7.72 -13.78 -2.03
N HIS B 121 6.41 -13.75 -2.28
CA HIS B 121 5.92 -13.21 -3.53
C HIS B 121 6.31 -11.75 -3.72
N GLU B 122 6.17 -10.94 -2.69
CA GLU B 122 6.59 -9.54 -2.74
C GLU B 122 8.08 -9.44 -3.03
N ILE B 123 8.87 -10.40 -2.54
CA ILE B 123 10.31 -10.38 -2.74
C ILE B 123 10.67 -10.84 -4.15
N ILE B 124 9.96 -11.86 -4.66
CA ILE B 124 10.21 -12.36 -6.01
C ILE B 124 9.99 -11.24 -7.04
N TYR B 125 8.89 -10.50 -6.90
CA TYR B 125 8.62 -9.39 -7.80
C TYR B 125 9.71 -8.34 -7.72
N THR B 126 10.07 -7.95 -6.49
CA THR B 126 11.15 -7.00 -6.28
C THR B 126 12.44 -7.46 -6.95
N MET B 127 12.80 -8.73 -6.79
CA MET B 127 14.05 -9.14 -7.38
C MET B 127 13.91 -9.49 -8.84
N LEU B 128 12.70 -9.76 -9.31
CA LEU B 128 12.50 -9.91 -10.75
C LEU B 128 12.85 -8.62 -11.49
N ALA B 129 12.52 -7.47 -10.89
CA ALA B 129 12.83 -6.19 -11.49
C ALA B 129 14.31 -6.06 -11.81
N SER B 130 15.17 -6.59 -10.96
CA SER B 130 16.61 -6.53 -11.23
C SER B 130 16.96 -7.20 -12.54
N LEU B 131 16.24 -8.27 -12.89
CA LEU B 131 16.50 -9.01 -14.12
C LEU B 131 15.82 -8.41 -15.33
N MET B 132 15.10 -7.30 -15.19
CA MET B 132 14.29 -6.80 -16.28
C MET B 132 14.76 -5.42 -16.74
N ASN B 133 14.52 -5.15 -18.03
CA ASN B 133 14.41 -3.77 -18.49
C ASN B 133 13.10 -3.64 -19.26
N LYS B 134 12.90 -2.52 -19.94
CA LYS B 134 11.63 -2.33 -20.64
C LYS B 134 11.42 -3.34 -21.76
N ASP B 135 12.50 -3.99 -22.25
CA ASP B 135 12.38 -4.87 -23.41
C ASP B 135 12.34 -6.35 -23.09
N GLY B 136 12.67 -6.79 -21.87
CA GLY B 136 12.46 -8.18 -21.51
C GLY B 136 13.18 -8.54 -20.23
N VAL B 137 13.38 -9.85 -20.02
CA VAL B 137 13.88 -10.35 -18.75
C VAL B 137 14.98 -11.40 -18.95
N LEU B 138 16.02 -11.33 -18.12
CA LEU B 138 17.05 -12.37 -18.07
C LEU B 138 16.49 -13.68 -17.54
N ILE B 139 16.94 -14.79 -18.11
CA ILE B 139 16.52 -16.10 -17.64
C ILE B 139 17.73 -17.03 -17.62
N SER B 140 17.60 -18.11 -16.85
CA SER B 140 18.60 -19.16 -16.75
C SER B 140 19.96 -18.58 -16.34
N GLU B 141 19.94 -17.89 -15.19
CA GLU B 141 21.12 -17.26 -14.62
C GLU B 141 21.82 -16.36 -15.64
N GLY B 142 21.03 -15.64 -16.43
CA GLY B 142 21.57 -14.67 -17.33
C GLY B 142 22.04 -15.20 -18.66
N GLN B 143 22.03 -16.52 -18.87
CA GLN B 143 22.36 -17.13 -20.15
C GLN B 143 21.37 -16.77 -21.24
N GLY B 144 20.14 -16.41 -20.89
CA GLY B 144 19.12 -16.16 -21.88
C GLY B 144 18.45 -14.83 -21.62
N PHE B 145 17.66 -14.39 -22.59
CA PHE B 145 16.88 -13.15 -22.45
C PHE B 145 15.62 -13.30 -23.28
N MET B 146 14.46 -13.25 -22.63
CA MET B 146 13.18 -13.39 -23.29
C MET B 146 12.53 -12.02 -23.40
N THR B 147 12.07 -11.68 -24.59
CA THR B 147 11.55 -10.35 -24.82
C THR B 147 10.18 -10.19 -24.16
N ARG B 148 9.91 -8.96 -23.72
CA ARG B 148 8.59 -8.61 -23.21
C ARG B 148 7.52 -8.86 -24.26
N GLU B 149 7.81 -8.47 -25.51
CA GLU B 149 6.88 -8.71 -26.61
C GLU B 149 6.46 -10.16 -26.70
N PHE B 150 7.43 -11.07 -26.64
CA PHE B 150 7.14 -12.49 -26.78
C PHE B 150 6.24 -12.96 -25.65
N LEU B 151 6.53 -12.56 -24.41
CA LEU B 151 5.68 -12.96 -23.29
C LEU B 151 4.29 -12.34 -23.40
N LYS B 152 4.22 -11.06 -23.74
CA LYS B 152 2.94 -10.38 -23.86
C LYS B 152 2.04 -11.05 -24.88
N SER B 153 2.60 -11.66 -25.91
CA SER B 153 1.78 -12.21 -26.99
C SER B 153 1.37 -13.66 -26.78
N LEU B 154 1.78 -14.29 -25.67
CA LEU B 154 1.30 -15.64 -25.38
C LEU B 154 -0.23 -15.66 -25.26
N ARG B 155 -0.81 -16.83 -25.53
CA ARG B 155 -2.25 -16.94 -25.76
C ARG B 155 -3.05 -16.87 -24.46
N LYS B 156 -4.38 -17.05 -24.60
CA LYS B 156 -5.35 -17.31 -23.54
C LYS B 156 -5.21 -16.30 -22.41
N PRO B 157 -4.98 -16.77 -21.18
CA PRO B 157 -4.66 -15.85 -20.06
C PRO B 157 -3.18 -15.70 -19.75
N PHE B 158 -2.28 -16.39 -20.47
CA PHE B 158 -0.86 -16.39 -20.11
C PHE B 158 -0.11 -15.14 -20.56
N GLY B 159 -0.56 -14.46 -21.62
CA GLY B 159 0.13 -13.26 -22.04
C GLY B 159 -0.03 -12.12 -21.05
N ASP B 160 -1.28 -11.84 -20.66
CA ASP B 160 -1.61 -10.79 -19.71
C ASP B 160 -1.19 -11.13 -18.29
N PHE B 161 -0.64 -12.32 -18.11
CA PHE B 161 -0.10 -12.76 -16.86
C PHE B 161 1.35 -12.28 -16.68
N MET B 162 2.13 -12.40 -17.75
CA MET B 162 3.55 -12.03 -17.69
C MET B 162 3.75 -10.52 -17.60
N GLU B 163 2.82 -9.73 -18.12
CA GLU B 163 3.04 -8.31 -18.38
C GLU B 163 3.02 -7.39 -17.15
N PRO B 164 2.16 -7.62 -16.16
CA PRO B 164 2.20 -6.75 -14.96
C PRO B 164 3.53 -6.71 -14.25
N LYS B 165 4.27 -7.83 -14.23
CA LYS B 165 5.65 -7.83 -13.74
C LYS B 165 6.48 -6.73 -14.40
N PHE B 166 6.43 -6.65 -15.73
CA PHE B 166 7.21 -5.66 -16.45
C PHE B 166 6.77 -4.25 -16.08
N GLU B 167 5.47 -4.03 -15.94
CA GLU B 167 4.98 -2.71 -15.61
C GLU B 167 5.49 -2.25 -14.24
N PHE B 168 5.55 -3.16 -13.27
CA PHE B 168 6.10 -2.80 -11.98
C PHE B 168 7.61 -2.56 -12.06
N ALA B 169 8.32 -3.43 -12.78
CA ALA B 169 9.78 -3.33 -12.79
C ALA B 169 10.24 -2.01 -13.40
N VAL B 170 9.55 -1.50 -14.42
CA VAL B 170 10.00 -0.26 -15.04
C VAL B 170 9.90 0.89 -14.04
N LYS B 171 8.82 0.90 -13.26
CA LYS B 171 8.67 1.90 -12.20
C LYS B 171 9.68 1.67 -11.07
N PHE B 172 9.80 0.43 -10.58
CA PHE B 172 10.73 0.19 -9.49
C PHE B 172 12.17 0.52 -9.89
N ASN B 173 12.56 0.17 -11.12
CA ASN B 173 13.94 0.35 -11.51
C ASN B 173 14.31 1.81 -11.65
N ALA B 174 13.32 2.68 -11.84
CA ALA B 174 13.59 4.12 -11.91
C ALA B 174 14.23 4.64 -10.63
N LEU B 175 14.05 3.94 -9.49
CA LEU B 175 14.72 4.30 -8.25
C LEU B 175 16.23 4.08 -8.29
N GLU B 176 16.71 3.16 -9.14
CA GLU B 176 18.15 2.90 -9.27
C GLU B 176 18.77 2.41 -7.97
N LEU B 177 18.10 1.49 -7.29
CA LEU B 177 18.70 0.84 -6.13
C LEU B 177 19.76 -0.13 -6.58
N ASP B 178 20.78 -0.30 -5.76
CA ASP B 178 21.72 -1.38 -6.01
C ASP B 178 21.51 -2.46 -4.94
N ASP B 179 22.33 -3.51 -5.02
CA ASP B 179 22.07 -4.71 -4.23
C ASP B 179 22.19 -4.45 -2.74
N SER B 180 23.11 -3.56 -2.34
CA SER B 180 23.25 -3.25 -0.93
C SER B 180 22.01 -2.55 -0.39
N ASP B 181 21.35 -1.72 -1.19
CA ASP B 181 20.04 -1.18 -0.80
C ASP B 181 18.99 -2.28 -0.76
N LEU B 182 18.97 -3.14 -1.79
CA LEU B 182 17.91 -4.12 -1.94
C LEU B 182 17.95 -5.15 -0.81
N ALA B 183 19.15 -5.46 -0.31
CA ALA B 183 19.31 -6.45 0.74
C ALA B 183 18.56 -6.04 2.00
N ILE B 184 18.58 -4.75 2.33
CA ILE B 184 17.87 -4.26 3.51
C ILE B 184 16.39 -4.11 3.23
N PHE B 185 16.02 -3.73 2.01
CA PHE B 185 14.62 -3.58 1.65
C PHE B 185 13.90 -4.92 1.67
N ILE B 186 14.55 -5.94 1.13
CA ILE B 186 14.00 -7.29 1.13
C ILE B 186 13.71 -7.71 2.57
N ALA B 187 14.61 -7.38 3.50
CA ALA B 187 14.45 -7.80 4.88
C ALA B 187 13.28 -7.09 5.53
N VAL B 188 13.10 -5.80 5.23
CA VAL B 188 12.00 -5.04 5.81
C VAL B 188 10.67 -5.66 5.44
N ILE B 189 10.53 -6.04 4.18
CA ILE B 189 9.33 -6.73 3.70
C ILE B 189 9.04 -7.96 4.54
N ILE B 190 10.07 -8.80 4.76
CA ILE B 190 9.85 -10.09 5.40
C ILE B 190 9.31 -9.89 6.82
N LEU B 191 9.98 -9.04 7.59
CA LEU B 191 9.61 -8.74 8.98
C LEU B 191 8.47 -7.72 9.05
N SER B 192 7.35 -8.05 8.44
CA SER B 192 6.15 -7.23 8.50
C SER B 192 5.22 -7.79 9.57
N GLY B 193 4.97 -7.01 10.62
CA GLY B 193 4.09 -7.46 11.68
C GLY B 193 2.62 -7.41 11.38
N ASP B 194 2.26 -6.98 10.16
CA ASP B 194 0.86 -6.89 9.76
C ASP B 194 0.42 -8.08 8.92
N ARG B 195 1.18 -9.15 8.92
CA ARG B 195 0.71 -10.29 8.14
C ARG B 195 -0.42 -10.99 8.89
N PRO B 196 -1.42 -11.51 8.17
CA PRO B 196 -2.55 -12.15 8.83
C PRO B 196 -2.12 -13.35 9.68
N GLY B 197 -2.60 -13.38 10.92
CA GLY B 197 -2.40 -14.53 11.77
C GLY B 197 -1.12 -14.56 12.58
N LEU B 198 -0.30 -13.50 12.53
CA LEU B 198 0.88 -13.46 13.38
C LEU B 198 0.50 -13.54 14.85
N LEU B 199 1.23 -14.37 15.61
CA LEU B 199 0.96 -14.56 17.02
C LEU B 199 1.68 -13.54 17.90
N ASN B 200 2.89 -13.11 17.54
CA ASN B 200 3.68 -12.17 18.36
C ASN B 200 4.11 -11.00 17.48
N VAL B 201 3.20 -10.04 17.29
CA VAL B 201 3.47 -8.89 16.44
C VAL B 201 4.67 -8.09 16.95
N LYS B 202 4.80 -7.97 18.26
CA LYS B 202 5.76 -7.03 18.83
C LYS B 202 7.21 -7.36 18.52
N PRO B 203 7.72 -8.57 18.76
CA PRO B 203 9.13 -8.82 18.42
C PRO B 203 9.41 -8.70 16.93
N ILE B 204 8.41 -8.92 16.07
CA ILE B 204 8.60 -8.70 14.64
C ILE B 204 8.79 -7.21 14.35
N GLU B 205 7.97 -6.36 14.99
CA GLU B 205 8.11 -4.93 14.73
C GLU B 205 9.42 -4.38 15.29
N ASP B 206 9.89 -4.89 16.43
CA ASP B 206 11.19 -4.46 16.93
C ASP B 206 12.31 -4.76 15.92
N ILE B 207 12.27 -5.92 15.29
CA ILE B 207 13.25 -6.21 14.24
C ILE B 207 13.08 -5.26 13.06
N GLN B 208 11.84 -5.08 12.59
CA GLN B 208 11.62 -4.20 11.42
C GLN B 208 12.03 -2.77 11.71
N ASP B 209 11.72 -2.27 12.92
CA ASP B 209 12.21 -0.95 13.32
C ASP B 209 13.71 -0.84 13.14
N ASN B 210 14.44 -1.87 13.54
CA ASN B 210 15.88 -1.84 13.31
C ASN B 210 16.22 -1.86 11.83
N LEU B 211 15.53 -2.70 11.07
CA LEU B 211 15.78 -2.79 9.64
C LEU B 211 15.42 -1.49 8.93
N LEU B 212 14.35 -0.82 9.38
CA LEU B 212 13.98 0.46 8.77
C LEU B 212 15.03 1.53 9.05
N GLN B 213 15.52 1.60 10.29
CA GLN B 213 16.61 2.52 10.61
C GLN B 213 17.82 2.25 9.71
N ALA B 214 18.09 0.96 9.44
CA ALA B 214 19.24 0.63 8.63
C ALA B 214 19.01 1.07 7.20
N LEU B 215 17.80 0.86 6.70
CA LEU B 215 17.50 1.27 5.35
C LEU B 215 17.58 2.79 5.22
N GLU B 216 17.03 3.51 6.21
CA GLU B 216 17.04 4.96 6.14
C GLU B 216 18.46 5.48 6.05
N LEU B 217 19.31 5.09 7.00
CA LEU B 217 20.74 5.43 6.92
C LEU B 217 21.34 5.02 5.59
N GLN B 218 21.14 3.76 5.17
CA GLN B 218 21.77 3.28 3.95
C GLN B 218 21.40 4.15 2.74
N LEU B 219 20.10 4.43 2.57
CA LEU B 219 19.65 5.21 1.43
C LEU B 219 20.19 6.64 1.45
N LYS B 220 20.36 7.22 2.63
CA LYS B 220 20.89 8.58 2.65
C LYS B 220 22.37 8.62 2.27
N LEU B 221 23.15 7.63 2.72
CA LEU B 221 24.58 7.62 2.42
C LEU B 221 24.84 7.21 0.98
N ASN B 222 24.11 6.22 0.47
CA ASN B 222 24.37 5.70 -0.87
C ASN B 222 23.74 6.55 -1.96
N HIS B 223 22.67 7.27 -1.64
CA HIS B 223 21.94 8.07 -2.61
C HIS B 223 21.75 9.47 -2.03
N PRO B 224 22.85 10.16 -1.73
CA PRO B 224 22.76 11.38 -0.92
C PRO B 224 21.99 12.48 -1.61
N GLU B 225 21.82 12.38 -2.92
CA GLU B 225 21.14 13.38 -3.73
C GLU B 225 19.73 12.94 -4.12
N SER B 226 19.26 11.82 -3.59
CA SER B 226 17.96 11.26 -3.93
C SER B 226 16.96 11.65 -2.84
N SER B 227 16.25 12.75 -3.08
CA SER B 227 15.31 13.31 -2.12
C SER B 227 14.22 12.32 -1.78
N GLN B 228 14.07 12.02 -0.49
CA GLN B 228 12.99 11.16 0.01
C GLN B 228 13.00 9.78 -0.65
N LEU B 229 14.17 9.30 -1.05
CA LEU B 229 14.24 7.93 -1.57
C LEU B 229 13.62 6.96 -0.57
N PHE B 230 13.89 7.15 0.71
CA PHE B 230 13.32 6.29 1.75
C PHE B 230 11.80 6.25 1.64
N ALA B 231 11.15 7.41 1.75
CA ALA B 231 9.69 7.48 1.63
C ALA B 231 9.22 6.86 0.31
N LYS B 232 9.87 7.21 -0.82
CA LYS B 232 9.44 6.68 -2.11
C LYS B 232 9.60 5.17 -2.17
N LEU B 233 10.70 4.64 -1.63
CA LEU B 233 10.86 3.20 -1.58
C LEU B 233 9.78 2.53 -0.74
N LEU B 234 9.37 3.16 0.37
CA LEU B 234 8.32 2.57 1.20
C LEU B 234 6.97 2.61 0.51
N GLN B 235 6.74 3.63 -0.32
CA GLN B 235 5.53 3.70 -1.11
C GLN B 235 5.49 2.63 -2.20
N LYS B 236 6.63 2.10 -2.65
CA LYS B 236 6.56 1.01 -3.62
C LYS B 236 6.09 -0.29 -2.96
N MET B 237 6.34 -0.44 -1.66
CA MET B 237 5.83 -1.64 -0.95
C MET B 237 4.30 -1.64 -1.05
N THR B 238 3.73 -0.56 -1.57
CA THR B 238 2.27 -0.50 -1.74
C THR B 238 1.92 -1.29 -2.96
N ASP B 239 2.23 -0.72 -4.12
CA ASP B 239 1.94 -1.42 -5.40
C ASP B 239 2.18 -2.91 -5.22
N LEU B 240 3.36 -3.30 -4.75
CA LEU B 240 3.66 -4.71 -4.51
C LEU B 240 2.49 -5.46 -3.91
N ARG B 241 1.88 -4.87 -2.87
CA ARG B 241 0.74 -5.52 -2.22
C ARG B 241 -0.39 -5.78 -3.21
N GLN B 242 -0.55 -4.91 -4.22
CA GLN B 242 -1.68 -5.02 -5.14
C GLN B 242 -1.34 -5.94 -6.31
N ILE B 243 -0.09 -5.93 -6.78
CA ILE B 243 0.28 -6.84 -7.85
C ILE B 243 0.32 -8.29 -7.36
N VAL B 244 0.60 -8.50 -6.07
CA VAL B 244 0.53 -9.87 -5.56
C VAL B 244 -0.89 -10.38 -5.60
N THR B 245 -1.85 -9.54 -5.20
CA THR B 245 -3.24 -9.96 -5.23
C THR B 245 -3.74 -10.13 -6.66
N GLU B 246 -3.37 -9.23 -7.56
CA GLU B 246 -3.69 -9.42 -8.97
C GLU B 246 -3.08 -10.72 -9.50
N HIS B 247 -1.88 -11.08 -9.04
CA HIS B 247 -1.25 -12.33 -9.45
C HIS B 247 -2.06 -13.55 -9.02
N VAL B 248 -2.45 -13.60 -7.74
CA VAL B 248 -3.13 -14.79 -7.22
C VAL B 248 -4.55 -14.91 -7.78
N GLN B 249 -5.17 -13.78 -8.12
CA GLN B 249 -6.46 -13.84 -8.80
C GLN B 249 -6.32 -14.32 -10.24
N LEU B 250 -5.20 -14.01 -10.90
CA LEU B 250 -4.99 -14.59 -12.22
C LEU B 250 -4.68 -16.09 -12.11
N LEU B 251 -3.89 -16.47 -11.10
CA LEU B 251 -3.62 -17.89 -10.90
C LEU B 251 -4.90 -18.64 -10.61
N GLN B 252 -5.88 -17.99 -9.97
CA GLN B 252 -7.16 -18.63 -9.72
C GLN B 252 -7.86 -18.97 -11.04
N VAL B 253 -7.93 -18.00 -11.96
CA VAL B 253 -8.59 -18.23 -13.25
C VAL B 253 -7.94 -19.41 -13.97
N ILE B 254 -6.62 -19.35 -14.09
CA ILE B 254 -5.91 -20.37 -14.91
C ILE B 254 -6.27 -21.78 -14.40
N LYS B 255 -6.30 -21.94 -13.08
CA LYS B 255 -6.64 -23.26 -12.49
C LYS B 255 -7.98 -23.76 -13.04
N LYS B 256 -8.98 -22.90 -13.15
CA LYS B 256 -10.33 -23.34 -13.58
C LYS B 256 -10.35 -23.59 -15.08
N THR B 257 -9.28 -23.26 -15.79
CA THR B 257 -9.25 -23.44 -17.25
C THR B 257 -8.15 -24.41 -17.61
N GLU B 258 -7.13 -24.56 -16.77
CA GLU B 258 -5.96 -25.39 -17.15
C GLU B 258 -5.73 -26.52 -16.14
N THR B 259 -5.08 -27.60 -16.59
CA THR B 259 -4.81 -28.78 -15.73
C THR B 259 -3.42 -29.30 -16.00
N MET B 261 -0.93 -28.00 -16.62
CA MET B 261 -0.50 -27.01 -15.59
C MET B 261 -0.53 -27.65 -14.21
N SER B 262 0.66 -27.85 -13.61
CA SER B 262 0.75 -28.45 -12.25
C SER B 262 1.44 -27.47 -11.30
N LEU B 263 0.97 -27.35 -10.07
CA LEU B 263 1.55 -26.36 -9.12
C LEU B 263 2.48 -27.08 -8.14
N HIS B 264 3.73 -26.66 -8.06
CA HIS B 264 4.69 -27.24 -7.08
C HIS B 264 4.07 -27.21 -5.69
N PRO B 265 4.28 -28.27 -4.89
CA PRO B 265 3.69 -28.34 -3.54
C PRO B 265 4.03 -27.16 -2.65
N LEU B 266 5.28 -26.71 -2.71
CA LEU B 266 5.69 -25.49 -2.00
C LEU B 266 4.80 -24.31 -2.36
N LEU B 267 4.67 -24.01 -3.66
CA LEU B 267 3.81 -22.92 -4.07
C LEU B 267 2.35 -23.23 -3.75
N GLN B 268 1.96 -24.49 -3.92
CA GLN B 268 0.59 -24.90 -3.61
C GLN B 268 0.19 -24.51 -2.19
N GLU B 269 1.11 -24.67 -1.24
CA GLU B 269 0.79 -24.34 0.17
C GLU B 269 0.79 -22.82 0.38
N ILE B 270 1.76 -22.12 -0.22
CA ILE B 270 1.86 -20.64 -0.01
C ILE B 270 0.57 -19.97 -0.47
N TYR B 271 0.07 -20.34 -1.64
CA TYR B 271 -1.13 -19.67 -2.20
C TYR B 271 -2.31 -19.86 -1.31
N LYS B 272 -2.22 -20.91 -0.51
CA LYS B 272 -3.40 -21.23 0.33
C LYS B 272 -3.54 -20.25 1.49
N ASP B 273 -4.48 -19.31 1.36
CA ASP B 273 -4.74 -18.36 2.47
C ASP B 273 -3.43 -18.06 3.21
C10 A1IQF C . -15.26 7.12 2.17
C5 A1IQF C . -18.18 8.95 7.13
C2 A1IQF C . -17.56 11.44 8.25
C1 A1IQF C . -17.22 12.76 8.87
C4 A1IQF C . -17.16 9.75 6.59
C8 A1IQF C . -17.45 6.27 2.79
C7 A1IQF C . -18.30 5.52 3.76
C11 A1IQF C . -15.80 7.62 1.01
C12 A1IQF C . -17.14 7.44 0.71
C13 A1IQF C . -17.98 6.77 1.59
C14 A1IQF C . -19.43 6.60 1.25
C15 A1IQF C . -18.71 5.38 6.21
C16 A1IQF C . -18.97 4.03 6.48
C17 A1IQF C . -19.17 3.66 7.78
C18 A1IQF C . -19.15 4.64 8.79
C19 A1IQF C . -18.91 5.98 8.54
C20 A1IQF C . -18.68 6.36 7.23
C21 A1IQF C . -18.85 9.42 8.28
C22 A1IQF C . -20.99 9.23 9.35
C23 A1IQF C . -22.17 8.51 8.75
C24 A1IQF C . -23.51 8.91 9.32
C25 A1IQF C . -24.56 8.01 9.36
C26 A1IQF C . -25.79 8.38 9.88
C27 A1IQF C . -25.96 9.65 10.38
C28 A1IQF C . -24.93 10.56 10.34
C29 A1IQF C . -23.70 10.20 9.82
C3 A1IQF C . -16.86 10.98 7.14
C30 A1IQF C . -18.55 10.66 8.81
C6 A1IQF C . -18.41 7.61 6.58
C9 A1IQF C . -16.10 6.45 3.06
F1 A1IQF C . -19.86 7.48 0.34
F2 A1IQF C . -20.24 6.75 2.30
F3 A1IQF C . -19.73 5.39 0.83
N1 A1IQF C . -18.23 7.41 5.28
N2 A1IQF C . -18.45 6.07 5.03
O1 A1IQF C . -16.08 13.25 8.67
O2 A1IQF C . -18.06 13.27 9.64
O3 A1IQF C . -18.79 4.44 3.51
O4 A1IQF C . -19.83 8.61 8.79
CL1 A1IQF C . -15.39 5.86 4.52
CL2 A1IQF C . -19.40 4.13 10.43
C10 A1IQF D . 5.75 -15.84 -8.23
C5 A1IQF D . 10.06 -15.46 -12.31
C2 A1IQF D . 12.72 -15.38 -11.53
C1 A1IQF D . 14.16 -15.33 -11.10
C4 A1IQF D . 10.39 -15.27 -10.97
C8 A1IQF D . 5.29 -16.53 -10.50
C7 A1IQF D . 5.29 -16.18 -11.95
C11 A1IQF D . 5.34 -17.07 -7.78
C12 A1IQF D . 4.89 -18.03 -8.66
C13 A1IQF D . 4.87 -17.79 -10.04
C14 A1IQF D . 4.35 -18.87 -10.94
C15 A1IQF D . 6.64 -14.91 -13.68
C16 A1IQF D . 5.75 -14.36 -14.60
C17 A1IQF D . 6.27 -13.58 -15.61
C18 A1IQF D . 7.64 -13.38 -15.71
C19 A1IQF D . 8.53 -13.93 -14.82
C20 A1IQF D . 8.02 -14.70 -13.78
C21 A1IQF D . 11.08 -15.57 -13.27
C22 A1IQF D . 11.54 -15.89 -15.68
C23 A1IQF D . 12.29 -17.18 -15.51
C24 A1IQF D . 12.02 -18.26 -16.53
C25 A1IQF D . 11.22 -18.01 -17.65
C26 A1IQF D . 11.00 -19.02 -18.58
C27 A1IQF D . 11.55 -20.27 -18.40
C28 A1IQF D . 12.35 -20.52 -17.31
C29 A1IQF D . 12.59 -19.52 -16.38
C3 A1IQF D . 11.71 -15.24 -10.59
C30 A1IQF D . 12.40 -15.54 -12.88
C6 A1IQF D . 8.64 -15.41 -12.70
C9 A1IQF D . 5.72 -15.57 -9.58
F1 A1IQF D . 4.33 -20.06 -10.38
F2 A1IQF D . 3.09 -18.67 -11.29
F3 A1IQF D . 5.04 -18.99 -12.07
N1 A1IQF D . 7.70 -15.98 -11.94
N2 A1IQF D . 6.48 -15.71 -12.55
O1 A1IQF D . 15.04 -15.69 -11.92
O2 A1IQF D . 14.39 -14.92 -9.93
O3 A1IQF D . 4.30 -16.32 -12.64
O4 A1IQF D . 10.64 -15.75 -14.56
CL1 A1IQF D . 6.23 -13.99 -10.11
CL2 A1IQF D . 8.30 -12.39 -16.98
#